data_5JD0
#
_entry.id   5JD0
#
_cell.length_a   108.510
_cell.length_b   108.510
_cell.length_c   95.010
_cell.angle_alpha   90.00
_cell.angle_beta   90.00
_cell.angle_gamma   90.00
#
_symmetry.space_group_name_H-M   'P 43 21 2'
#
loop_
_entity.id
_entity.type
_entity.pdbx_description
1 polymer 'Arf-GAP with Rho-GAP domain, ANK repeat and PH domain-containing protein 3'
2 water water
#
_entity_poly.entity_id   1
_entity_poly.type   'polypeptide(L)'
_entity_poly.pdbx_seq_one_letter_code
;MGHHHHHHMGTGLQEQQMSRGDIPIIVDACISFVTQHGLRLEGVYRKGGARARSLRLLAEFRRDARSVKLRPGEHFVEDV
TDTLKRFFRELDDPVTSARLLPRWREAAELPQKNQRLEKYKDVIGCLPRVNRRTLATLIGHLYRVQKCAALNQMCTRNLA
LLFAPSVFQTDGRGEHEVRVLQELIDGYISVFDIDSDQVAQIDLEVSLITT
;
_entity_poly.pdbx_strand_id   A,B
#
# COMPACT_ATOMS: atom_id res chain seq x y z
N THR A 11 9.96 13.24 27.75
CA THR A 11 9.25 13.93 26.67
C THR A 11 9.50 13.26 25.32
N GLY A 12 10.26 12.17 25.33
CA GLY A 12 10.46 11.38 24.13
C GLY A 12 9.30 10.46 23.83
N LEU A 13 9.13 10.16 22.54
CA LEU A 13 8.04 9.29 22.11
C LEU A 13 8.12 7.92 22.79
N GLN A 14 9.30 7.31 22.81
CA GLN A 14 9.47 5.99 23.39
C GLN A 14 9.30 6.00 24.91
N GLU A 15 9.38 7.18 25.53
CA GLU A 15 9.25 7.34 26.97
C GLU A 15 7.80 7.39 27.43
N GLN A 16 6.84 7.39 26.51
CA GLN A 16 5.44 7.57 26.89
C GLN A 16 4.87 6.26 27.43
N GLN A 17 3.81 6.37 28.23
CA GLN A 17 3.00 5.20 28.58
C GLN A 17 2.32 4.65 27.33
N MET A 18 2.42 3.35 27.12
CA MET A 18 2.00 2.70 25.89
C MET A 18 0.71 1.93 26.07
N SER A 19 -0.21 2.08 25.11
CA SER A 19 -1.42 1.27 25.07
C SER A 19 -1.07 -0.18 24.74
N ARG A 20 -2.07 -1.05 24.74
CA ARG A 20 -1.80 -2.45 24.40
C ARG A 20 -1.56 -2.64 22.92
N GLY A 21 -1.86 -1.63 22.10
CA GLY A 21 -1.44 -1.63 20.70
C GLY A 21 -0.02 -1.11 20.51
N ASP A 22 0.64 -0.73 21.61
CA ASP A 22 2.03 -0.30 21.62
C ASP A 22 2.23 1.04 20.91
N ILE A 23 1.29 1.95 21.13
CA ILE A 23 1.44 3.37 20.81
C ILE A 23 1.13 4.14 22.08
N PRO A 24 1.52 5.41 22.16
CA PRO A 24 1.32 6.16 23.41
C PRO A 24 -0.15 6.26 23.77
N ILE A 25 -0.43 6.05 25.06
CA ILE A 25 -1.80 6.19 25.57
C ILE A 25 -2.44 7.47 25.07
N ILE A 26 -1.70 8.58 25.11
CA ILE A 26 -2.30 9.86 24.75
C ILE A 26 -2.79 9.87 23.30
N VAL A 27 -2.01 9.32 22.37
CA VAL A 27 -2.46 9.26 20.98
C VAL A 27 -3.71 8.40 20.88
N ASP A 28 -3.67 7.23 21.52
CA ASP A 28 -4.78 6.30 21.45
C ASP A 28 -6.05 6.91 22.04
N ALA A 29 -5.93 7.54 23.20
CA ALA A 29 -7.10 8.06 23.91
C ALA A 29 -7.71 9.25 23.18
N CYS A 30 -6.89 10.15 22.65
CA CYS A 30 -7.41 11.30 21.90
C CYS A 30 -8.05 10.86 20.59
N ILE A 31 -7.37 9.97 19.88
CA ILE A 31 -7.89 9.51 18.61
C ILE A 31 -9.19 8.75 18.80
N SER A 32 -9.23 7.91 19.83
CA SER A 32 -10.42 7.12 20.09
C SER A 32 -11.59 8.03 20.49
N PHE A 33 -11.33 9.06 21.28
CA PHE A 33 -12.37 10.01 21.65
C PHE A 33 -12.95 10.69 20.42
N VAL A 34 -12.09 11.16 19.51
CA VAL A 34 -12.59 11.84 18.33
C VAL A 34 -13.32 10.85 17.42
N THR A 35 -12.81 9.61 17.34
CA THR A 35 -13.52 8.60 16.56
C THR A 35 -14.93 8.39 17.09
N GLN A 36 -15.09 8.39 18.41
CA GLN A 36 -16.42 8.12 18.94
C GLN A 36 -17.36 9.31 18.78
N HIS A 37 -16.86 10.53 18.99
CA HIS A 37 -17.74 11.66 19.14
C HIS A 37 -17.48 12.82 18.19
N GLY A 38 -16.50 12.73 17.30
CA GLY A 38 -16.20 13.91 16.52
C GLY A 38 -16.28 13.84 15.01
N LEU A 39 -16.48 12.64 14.43
CA LEU A 39 -16.28 12.50 12.98
C LEU A 39 -17.35 13.21 12.17
N ARG A 40 -18.51 13.50 12.75
CA ARG A 40 -19.55 14.22 12.03
C ARG A 40 -19.50 15.75 12.23
N LEU A 41 -18.66 16.25 13.13
CA LEU A 41 -18.69 17.69 13.43
C LEU A 41 -17.97 18.50 12.35
N GLU A 42 -18.63 19.52 11.82
CA GLU A 42 -18.00 20.38 10.83
C GLU A 42 -16.75 21.05 11.43
N GLY A 43 -15.65 21.05 10.68
CA GLY A 43 -14.44 21.70 11.12
C GLY A 43 -13.62 20.93 12.14
N VAL A 44 -13.90 19.65 12.35
CA VAL A 44 -13.08 18.87 13.26
C VAL A 44 -11.61 19.00 12.86
N TYR A 45 -10.74 19.17 13.87
CA TYR A 45 -9.29 19.40 13.77
C TYR A 45 -8.93 20.82 13.33
N ARG A 46 -9.90 21.71 13.08
CA ARG A 46 -9.56 23.09 12.77
C ARG A 46 -9.17 23.86 14.03
N LYS A 47 -8.29 24.84 13.82
CA LYS A 47 -7.59 25.54 14.89
C LYS A 47 -8.53 26.42 15.70
N GLY A 48 -9.06 25.91 16.79
CA GLY A 48 -9.85 26.73 17.68
C GLY A 48 -9.95 26.15 19.06
N GLY A 49 -10.28 27.01 20.01
CA GLY A 49 -10.60 26.62 21.37
C GLY A 49 -9.75 27.37 22.38
N ALA A 50 -9.65 26.78 23.56
CA ALA A 50 -8.93 27.35 24.69
C ALA A 50 -7.53 26.73 24.76
N ARG A 51 -6.53 27.51 24.39
CA ARG A 51 -5.14 27.12 24.58
C ARG A 51 -4.91 26.57 25.99
N ALA A 52 -5.44 27.24 27.01
CA ALA A 52 -5.19 26.84 28.40
C ALA A 52 -5.71 25.43 28.67
N ARG A 53 -6.85 25.07 28.07
CA ARG A 53 -7.47 23.78 28.39
C ARG A 53 -6.70 22.62 27.77
N SER A 54 -6.13 22.79 26.57
CA SER A 54 -5.32 21.72 26.00
C SER A 54 -3.96 21.65 26.68
N LEU A 55 -3.47 22.79 27.18
CA LEU A 55 -2.29 22.81 28.02
C LEU A 55 -2.51 21.94 29.26
N ARG A 56 -3.62 22.18 29.98
CA ARG A 56 -3.89 21.39 31.18
C ARG A 56 -4.13 19.93 30.82
N LEU A 57 -4.82 19.65 29.72
CA LEU A 57 -5.09 18.26 29.37
C LEU A 57 -3.81 17.53 28.98
N LEU A 58 -2.90 18.20 28.27
CA LEU A 58 -1.64 17.55 27.94
C LEU A 58 -0.83 17.26 29.20
N ALA A 59 -0.88 18.17 30.17
CA ALA A 59 -0.18 17.94 31.43
C ALA A 59 -0.78 16.79 32.21
N GLU A 60 -2.10 16.60 32.14
CA GLU A 60 -2.71 15.46 32.82
C GLU A 60 -2.32 14.15 32.14
N PHE A 61 -2.22 14.14 30.81
CA PHE A 61 -1.73 12.94 30.14
C PHE A 61 -0.27 12.68 30.49
N ARG A 62 0.52 13.74 30.67
CA ARG A 62 1.91 13.56 31.07
C ARG A 62 2.03 13.07 32.50
N ARG A 63 1.11 13.48 33.38
CA ARG A 63 1.16 13.02 34.77
C ARG A 63 0.98 11.50 34.87
N ASP A 64 -0.09 10.99 34.25
CA ASP A 64 -0.40 9.56 34.27
C ASP A 64 -1.43 9.27 33.19
N ALA A 65 -0.96 8.93 31.99
CA ALA A 65 -1.85 8.84 30.83
C ALA A 65 -2.95 7.78 31.01
N ARG A 66 -2.66 6.68 31.69
CA ARG A 66 -3.65 5.62 31.78
C ARG A 66 -4.88 6.04 32.57
N SER A 67 -4.74 7.01 33.48
CA SER A 67 -5.84 7.42 34.35
C SER A 67 -6.61 8.62 33.82
N VAL A 68 -6.33 9.06 32.60
CA VAL A 68 -7.11 10.13 32.00
C VAL A 68 -8.29 9.51 31.28
N LYS A 69 -9.49 9.94 31.62
CA LYS A 69 -10.72 9.44 31.03
C LYS A 69 -11.40 10.59 30.30
N LEU A 70 -11.33 10.58 28.98
CA LEU A 70 -11.96 11.64 28.20
C LEU A 70 -13.48 11.41 28.18
N ARG A 71 -14.24 12.39 28.67
CA ARG A 71 -15.68 12.27 28.80
C ARG A 71 -16.39 13.34 27.96
N PRO A 72 -17.47 12.98 27.26
CA PRO A 72 -18.22 13.99 26.48
C PRO A 72 -18.73 15.16 27.31
N GLY A 73 -18.69 15.09 28.63
CA GLY A 73 -19.16 16.21 29.41
C GLY A 73 -18.03 17.13 29.80
N GLU A 74 -16.96 16.55 30.34
CA GLU A 74 -15.84 17.34 30.82
C GLU A 74 -14.97 17.84 29.67
N HIS A 75 -14.79 17.05 28.60
CA HIS A 75 -13.77 17.34 27.60
C HIS A 75 -14.40 17.67 26.25
N PHE A 76 -14.07 18.85 25.73
CA PHE A 76 -14.56 19.30 24.44
C PHE A 76 -13.73 18.70 23.32
N VAL A 77 -14.39 18.39 22.20
CA VAL A 77 -13.69 17.76 21.07
C VAL A 77 -12.52 18.62 20.61
N GLU A 78 -12.76 19.92 20.47
CA GLU A 78 -11.71 20.79 19.94
C GLU A 78 -10.54 20.92 20.90
N ASP A 79 -10.76 20.71 22.19
CA ASP A 79 -9.66 20.69 23.13
C ASP A 79 -8.83 19.42 22.97
N VAL A 80 -9.49 18.30 22.72
CA VAL A 80 -8.81 17.03 22.52
C VAL A 80 -8.04 17.02 21.20
N THR A 81 -8.65 17.54 20.12
CA THR A 81 -7.91 17.64 18.87
C THR A 81 -6.70 18.55 18.99
N ASP A 82 -6.84 19.69 19.68
CA ASP A 82 -5.68 20.56 19.88
C ASP A 82 -4.62 19.88 20.73
N THR A 83 -5.04 19.07 21.72
CA THR A 83 -4.08 18.33 22.54
C THR A 83 -3.29 17.33 21.70
N LEU A 84 -3.97 16.64 20.78
CA LEU A 84 -3.31 15.66 19.92
C LEU A 84 -2.25 16.33 19.04
N LYS A 85 -2.61 17.46 18.41
CA LYS A 85 -1.65 18.19 17.59
C LYS A 85 -0.47 18.68 18.43
N ARG A 86 -0.76 19.17 19.65
CA ARG A 86 0.29 19.68 20.51
C ARG A 86 1.21 18.58 20.99
N PHE A 87 0.68 17.37 21.22
CA PHE A 87 1.56 16.26 21.57
C PHE A 87 2.62 16.06 20.50
N PHE A 88 2.21 16.04 19.22
CA PHE A 88 3.17 15.84 18.14
C PHE A 88 4.14 17.01 18.02
N ARG A 89 3.65 18.23 18.25
CA ARG A 89 4.49 19.42 18.13
C ARG A 89 5.59 19.43 19.17
N GLU A 90 5.33 18.91 20.37
CA GLU A 90 6.24 19.01 21.49
C GLU A 90 7.13 17.79 21.67
N LEU A 91 7.00 16.77 20.82
CA LEU A 91 7.90 15.63 20.90
C LEU A 91 9.36 16.07 20.80
N ASP A 92 10.22 15.42 21.59
CA ASP A 92 11.66 15.68 21.51
C ASP A 92 12.19 15.46 20.10
N ASP A 93 11.67 14.45 19.42
CA ASP A 93 11.98 14.21 18.01
C ASP A 93 10.66 14.06 17.27
N PRO A 94 10.46 14.78 16.15
CA PRO A 94 9.20 14.62 15.40
C PRO A 94 9.00 13.15 15.07
N VAL A 95 7.72 12.75 14.99
CA VAL A 95 7.41 11.34 14.79
C VAL A 95 7.98 10.86 13.46
N THR A 96 7.90 11.70 12.42
CA THR A 96 8.78 11.60 11.27
C THR A 96 10.14 12.07 11.72
N SER A 97 11.18 11.31 11.45
CA SER A 97 12.42 11.64 12.16
C SER A 97 13.03 12.93 11.60
N ALA A 98 13.66 13.71 12.49
CA ALA A 98 14.43 14.85 12.01
C ALA A 98 15.52 14.40 11.07
N ARG A 99 16.20 13.30 11.43
CA ARG A 99 17.27 12.73 10.60
C ARG A 99 16.77 12.39 9.20
N LEU A 100 15.49 12.03 9.08
CA LEU A 100 14.94 11.52 7.85
C LEU A 100 14.29 12.59 7.00
N LEU A 101 14.17 13.81 7.52
CA LEU A 101 13.52 14.87 6.75
C LEU A 101 14.09 15.04 5.35
N PRO A 102 15.42 15.04 5.14
CA PRO A 102 15.93 15.07 3.75
C PRO A 102 15.43 13.92 2.92
N ARG A 103 15.27 12.73 3.52
CA ARG A 103 14.75 11.60 2.76
C ARG A 103 13.27 11.81 2.42
N TRP A 104 12.49 12.39 3.34
CA TRP A 104 11.09 12.67 3.03
C TRP A 104 10.98 13.61 1.85
N ARG A 105 11.81 14.66 1.81
CA ARG A 105 11.74 15.65 0.75
C ARG A 105 12.15 15.04 -0.58
N GLU A 106 13.20 14.22 -0.58
CA GLU A 106 13.60 13.54 -1.81
C GLU A 106 12.45 12.70 -2.35
N ALA A 107 11.76 11.97 -1.46
CA ALA A 107 10.59 11.18 -1.85
C ALA A 107 9.48 12.06 -2.42
N ALA A 108 9.24 13.23 -1.81
CA ALA A 108 8.17 14.09 -2.27
C ALA A 108 8.46 14.67 -3.65
N GLU A 109 9.72 14.72 -4.08
CA GLU A 109 10.12 15.30 -5.35
C GLU A 109 10.12 14.29 -6.51
N LEU A 110 9.85 13.02 -6.25
CA LEU A 110 9.78 12.05 -7.33
C LEU A 110 8.60 12.35 -8.26
N PRO A 111 8.71 12.01 -9.57
CA PRO A 111 7.74 12.48 -10.57
C PRO A 111 6.39 11.79 -10.55
N GLN A 112 6.32 10.49 -10.29
CA GLN A 112 5.06 9.75 -10.42
C GLN A 112 4.53 9.39 -9.03
N LYS A 113 3.20 9.45 -8.88
CA LYS A 113 2.60 9.24 -7.57
C LYS A 113 2.95 7.88 -6.99
N ASN A 114 2.84 6.83 -7.81
CA ASN A 114 3.06 5.50 -7.26
C ASN A 114 4.50 5.30 -6.82
N GLN A 115 5.44 5.95 -7.49
CA GLN A 115 6.82 5.86 -7.05
C GLN A 115 7.02 6.61 -5.74
N ARG A 116 6.33 7.75 -5.57
CA ARG A 116 6.41 8.48 -4.30
C ARG A 116 5.88 7.63 -3.14
N LEU A 117 4.77 6.93 -3.36
CA LEU A 117 4.18 6.11 -2.31
C LEU A 117 5.11 4.97 -1.90
N GLU A 118 5.73 4.31 -2.87
CA GLU A 118 6.69 3.26 -2.54
C GLU A 118 7.87 3.84 -1.79
N LYS A 119 8.28 5.07 -2.15
CA LYS A 119 9.41 5.69 -1.47
C LYS A 119 9.05 6.13 -0.06
N TYR A 120 7.81 6.56 0.16
CA TYR A 120 7.35 6.83 1.53
C TYR A 120 7.45 5.57 2.38
N LYS A 121 7.02 4.41 1.84
CA LYS A 121 7.16 3.19 2.63
C LYS A 121 8.62 2.91 2.95
N ASP A 122 9.53 3.19 2.01
CA ASP A 122 10.96 3.04 2.27
C ASP A 122 11.36 3.91 3.46
N VAL A 123 10.93 5.18 3.46
CA VAL A 123 11.34 6.10 4.52
C VAL A 123 10.72 5.68 5.85
N ILE A 124 9.47 5.22 5.81
CA ILE A 124 8.79 4.77 7.02
C ILE A 124 9.51 3.57 7.63
N GLY A 125 10.08 2.70 6.80
CA GLY A 125 10.84 1.58 7.31
C GLY A 125 12.14 1.97 8.00
N CYS A 126 12.55 3.23 7.87
CA CYS A 126 13.71 3.75 8.58
C CYS A 126 13.36 4.25 9.97
N LEU A 127 12.08 4.27 10.33
CA LEU A 127 11.60 4.73 11.61
C LEU A 127 11.66 3.61 12.65
N PRO A 128 11.85 3.97 13.92
CA PRO A 128 11.66 2.97 14.98
C PRO A 128 10.22 2.49 14.98
N ARG A 129 10.01 1.27 15.46
CA ARG A 129 8.71 0.63 15.38
C ARG A 129 7.61 1.50 16.00
N VAL A 130 7.89 2.11 17.15
CA VAL A 130 6.86 2.91 17.83
C VAL A 130 6.46 4.11 16.98
N ASN A 131 7.43 4.75 16.30
CA ASN A 131 7.10 5.82 15.35
C ASN A 131 6.24 5.31 14.21
N ARG A 132 6.60 4.14 13.64
CA ARG A 132 5.81 3.56 12.56
C ARG A 132 4.36 3.34 13.00
N ARG A 133 4.19 2.75 14.19
CA ARG A 133 2.85 2.41 14.66
C ARG A 133 2.05 3.65 15.03
N THR A 134 2.68 4.60 15.71
CA THR A 134 2.02 5.87 16.01
C THR A 134 1.57 6.56 14.74
N LEU A 135 2.47 6.63 13.74
CA LEU A 135 2.15 7.28 12.47
C LEU A 135 1.02 6.54 11.76
N ALA A 136 1.06 5.21 11.77
CA ALA A 136 0.01 4.44 11.11
C ALA A 136 -1.36 4.73 11.72
N THR A 137 -1.42 4.82 13.06
CA THR A 137 -2.68 5.12 13.74
C THR A 137 -3.20 6.51 13.38
N LEU A 138 -2.31 7.50 13.36
CA LEU A 138 -2.70 8.86 13.03
C LEU A 138 -3.24 8.94 11.61
N ILE A 139 -2.46 8.42 10.65
CA ILE A 139 -2.86 8.47 9.24
C ILE A 139 -4.19 7.75 9.04
N GLY A 140 -4.34 6.54 9.63
CA GLY A 140 -5.59 5.81 9.51
C GLY A 140 -6.77 6.57 10.08
N HIS A 141 -6.52 7.34 11.13
CA HIS A 141 -7.57 8.17 11.71
C HIS A 141 -7.94 9.32 10.76
N LEU A 142 -6.94 10.04 10.25
CA LEU A 142 -7.23 11.14 9.31
C LEU A 142 -7.84 10.62 8.00
N TYR A 143 -7.46 9.42 7.58
CA TYR A 143 -8.12 8.77 6.45
C TYR A 143 -9.62 8.62 6.71
N ARG A 144 -10.00 8.20 7.91
CA ARG A 144 -11.43 8.12 8.23
C ARG A 144 -12.06 9.50 8.33
N VAL A 145 -11.33 10.47 8.88
CA VAL A 145 -11.89 11.80 8.97
C VAL A 145 -12.25 12.29 7.59
N GLN A 146 -11.30 12.21 6.65
CA GLN A 146 -11.58 12.75 5.32
C GLN A 146 -12.64 11.91 4.60
N LYS A 147 -12.74 10.60 4.88
CA LYS A 147 -13.86 9.85 4.26
C LYS A 147 -15.21 10.33 4.75
N CYS A 148 -15.28 10.96 5.94
CA CYS A 148 -16.54 11.48 6.45
C CYS A 148 -16.74 12.95 6.13
N ALA A 149 -16.03 13.47 5.12
CA ALA A 149 -16.03 14.90 4.84
C ALA A 149 -17.39 15.43 4.35
N ALA A 150 -18.24 14.59 3.73
CA ALA A 150 -19.58 15.06 3.40
C ALA A 150 -20.27 15.68 4.60
N LEU A 151 -19.99 15.15 5.79
CA LEU A 151 -20.51 15.71 7.02
C LEU A 151 -19.54 16.72 7.64
N ASN A 152 -18.27 16.39 7.82
CA ASN A 152 -17.44 17.25 8.64
C ASN A 152 -16.67 18.29 7.85
N GLN A 153 -16.78 18.28 6.50
CA GLN A 153 -16.17 19.27 5.62
C GLN A 153 -14.64 19.26 5.63
N MET A 154 -13.99 18.21 6.13
CA MET A 154 -12.53 18.17 6.23
C MET A 154 -11.95 17.25 5.16
N CYS A 155 -11.51 17.84 4.05
CA CYS A 155 -10.90 17.02 3.02
C CYS A 155 -9.43 16.74 3.37
N THR A 156 -8.83 15.81 2.63
CA THR A 156 -7.45 15.38 2.88
C THR A 156 -6.49 16.57 2.90
N ARG A 157 -6.60 17.43 1.90
CA ARG A 157 -5.77 18.63 1.81
C ARG A 157 -5.91 19.50 3.05
N ASN A 158 -7.14 19.71 3.53
CA ASN A 158 -7.35 20.50 4.74
C ASN A 158 -6.62 19.88 5.91
N LEU A 159 -6.74 18.57 6.08
CA LEU A 159 -6.11 17.88 7.19
C LEU A 159 -4.59 17.98 7.11
N ALA A 160 -4.04 17.76 5.92
CA ALA A 160 -2.59 17.84 5.74
C ALA A 160 -2.05 19.20 6.14
N LEU A 161 -2.73 20.27 5.70
CA LEU A 161 -2.31 21.62 6.06
C LEU A 161 -2.34 21.83 7.58
N LEU A 162 -3.36 21.26 8.24
CA LEU A 162 -3.49 21.46 9.68
C LEU A 162 -2.46 20.67 10.48
N PHE A 163 -2.03 19.50 9.99
CA PHE A 163 -1.23 18.57 10.79
C PHE A 163 0.25 18.59 10.45
N ALA A 164 0.62 18.91 9.21
CA ALA A 164 2.03 18.94 8.82
C ALA A 164 2.93 19.73 9.75
N PRO A 165 2.58 20.96 10.18
CA PRO A 165 3.46 21.68 11.11
C PRO A 165 3.72 20.92 12.40
N SER A 166 2.70 20.23 12.93
CA SER A 166 2.88 19.52 14.19
C SER A 166 3.58 18.19 13.96
N VAL A 167 3.24 17.51 12.86
CA VAL A 167 3.76 16.17 12.65
C VAL A 167 5.23 16.25 12.27
N PHE A 168 5.57 17.10 11.32
CA PHE A 168 6.96 17.21 10.91
C PHE A 168 7.74 18.22 11.75
N GLN A 169 7.05 19.04 12.55
CA GLN A 169 7.69 20.13 13.32
C GLN A 169 8.47 21.07 12.40
N THR A 170 7.94 21.32 11.21
CA THR A 170 8.48 22.34 10.32
C THR A 170 7.78 23.69 10.47
N ASP A 171 6.63 23.71 11.15
CA ASP A 171 5.84 24.93 11.37
C ASP A 171 5.54 25.68 10.07
N GLY A 172 5.03 24.95 9.07
CA GLY A 172 4.41 25.55 7.91
C GLY A 172 5.35 25.93 6.79
N ARG A 173 6.65 26.06 7.07
CA ARG A 173 7.60 26.60 6.10
C ARG A 173 7.61 25.84 4.78
N GLY A 174 7.53 24.51 4.83
CA GLY A 174 7.88 23.68 3.69
C GLY A 174 6.68 23.08 2.97
N GLU A 175 6.64 23.32 1.65
CA GLU A 175 5.58 22.76 0.81
C GLU A 175 5.60 21.23 0.83
N HIS A 176 6.79 20.64 0.92
CA HIS A 176 6.93 19.18 0.81
C HIS A 176 6.14 18.44 1.88
N GLU A 177 6.18 18.92 3.14
CA GLU A 177 5.61 18.17 4.25
C GLU A 177 4.09 18.04 4.09
N VAL A 178 3.45 19.10 3.62
CA VAL A 178 2.03 19.07 3.30
C VAL A 178 1.73 18.00 2.26
N ARG A 179 2.53 17.94 1.18
CA ARG A 179 2.31 16.94 0.15
C ARG A 179 2.43 15.53 0.70
N VAL A 180 3.51 15.27 1.44
CA VAL A 180 3.71 13.94 2.01
C VAL A 180 2.47 13.53 2.80
N LEU A 181 2.02 14.39 3.71
CA LEU A 181 0.85 14.04 4.53
C LEU A 181 -0.40 13.82 3.69
N GLN A 182 -0.65 14.72 2.74
CA GLN A 182 -1.79 14.56 1.85
C GLN A 182 -1.73 13.21 1.16
N GLU A 183 -0.52 12.82 0.72
CA GLU A 183 -0.38 11.57 -0.03
C GLU A 183 -0.33 10.34 0.89
N LEU A 184 0.21 10.48 2.10
CA LEU A 184 0.08 9.41 3.08
C LEU A 184 -1.38 9.12 3.39
N ILE A 185 -2.19 10.18 3.51
CA ILE A 185 -3.60 10.01 3.91
C ILE A 185 -4.42 9.46 2.75
N ASP A 186 -4.33 10.08 1.57
CA ASP A 186 -5.02 9.53 0.43
C ASP A 186 -4.51 8.12 0.11
N GLY A 187 -3.21 7.87 0.31
CA GLY A 187 -2.64 6.57 0.02
C GLY A 187 -2.55 5.61 1.20
N TYR A 188 -3.36 5.83 2.22
CA TYR A 188 -3.23 5.10 3.48
C TYR A 188 -3.28 3.58 3.27
N ILE A 189 -4.22 3.10 2.46
CA ILE A 189 -4.42 1.66 2.28
C ILE A 189 -3.17 1.01 1.69
N SER A 190 -2.61 1.60 0.65
CA SER A 190 -1.40 1.03 0.05
C SER A 190 -0.16 1.26 0.93
N VAL A 191 0.05 2.48 1.45
CA VAL A 191 1.30 2.74 2.16
C VAL A 191 1.39 1.88 3.42
N PHE A 192 0.27 1.67 4.10
CA PHE A 192 0.29 0.93 5.36
C PHE A 192 -0.21 -0.50 5.20
N ASP A 193 -0.30 -1.00 3.96
CA ASP A 193 -0.60 -2.41 3.68
C ASP A 193 -1.87 -2.87 4.39
N ILE A 194 -2.95 -2.12 4.23
CA ILE A 194 -4.25 -2.49 4.78
C ILE A 194 -4.91 -3.50 3.86
N ASP A 195 -5.28 -4.67 4.37
CA ASP A 195 -5.88 -5.65 3.47
C ASP A 195 -7.35 -5.31 3.21
N SER A 196 -7.91 -6.01 2.22
CA SER A 196 -9.24 -5.69 1.72
C SER A 196 -10.35 -6.01 2.71
N ASP A 197 -10.11 -6.92 3.66
CA ASP A 197 -11.09 -7.11 4.73
C ASP A 197 -11.19 -5.87 5.61
N GLN A 198 -10.06 -5.30 6.00
CA GLN A 198 -10.09 -4.09 6.80
C GLN A 198 -10.64 -2.91 6.00
N VAL A 199 -10.31 -2.84 4.71
CA VAL A 199 -10.86 -1.80 3.84
C VAL A 199 -12.37 -1.80 3.92
N ALA A 200 -12.95 -2.99 3.84
CA ALA A 200 -14.41 -3.10 3.84
C ALA A 200 -15.01 -2.72 5.18
N GLN A 201 -14.36 -3.11 6.27
CA GLN A 201 -14.85 -2.75 7.60
C GLN A 201 -14.82 -1.24 7.81
N ILE A 202 -13.79 -0.59 7.28
CA ILE A 202 -13.69 0.87 7.35
C ILE A 202 -14.76 1.53 6.50
N ASP A 203 -14.96 1.04 5.27
CA ASP A 203 -15.98 1.62 4.41
C ASP A 203 -17.38 1.46 5.02
N LEU A 204 -17.63 0.34 5.70
CA LEU A 204 -18.91 0.14 6.35
C LEU A 204 -19.06 1.05 7.56
N GLU A 205 -17.99 1.18 8.34
CA GLU A 205 -18.05 2.05 9.52
C GLU A 205 -18.28 3.51 9.10
N VAL A 206 -17.61 3.97 8.04
CA VAL A 206 -17.87 5.30 7.52
C VAL A 206 -19.32 5.41 7.04
N SER A 207 -19.84 4.37 6.38
CA SER A 207 -21.24 4.42 5.95
C SER A 207 -22.16 4.57 7.14
N LEU A 208 -21.87 3.86 8.25
CA LEU A 208 -22.68 4.05 9.45
C LEU A 208 -22.59 5.48 9.96
N ILE A 209 -21.41 6.09 9.83
CA ILE A 209 -21.20 7.40 10.43
C ILE A 209 -21.89 8.47 9.63
N THR A 210 -21.91 8.33 8.31
CA THR A 210 -22.41 9.39 7.44
C THR A 210 -23.83 9.14 6.93
N THR A 211 -24.51 8.08 7.36
CA THR A 211 -25.91 7.91 6.99
C THR A 211 -26.80 7.98 8.24
N GLY B 10 14.12 5.49 -16.25
CA GLY B 10 13.34 4.81 -17.26
C GLY B 10 12.39 3.78 -16.69
N THR B 11 11.16 4.21 -16.39
CA THR B 11 10.20 3.34 -15.72
C THR B 11 9.06 2.92 -16.63
N GLY B 12 9.08 3.27 -17.91
CA GLY B 12 8.07 2.77 -18.83
C GLY B 12 8.35 1.33 -19.22
N LEU B 13 7.26 0.58 -19.44
CA LEU B 13 7.39 -0.81 -19.84
C LEU B 13 8.17 -0.95 -21.14
N GLN B 14 7.83 -0.12 -22.12
CA GLN B 14 8.42 -0.17 -23.46
C GLN B 14 9.89 0.23 -23.48
N GLU B 15 10.36 0.91 -22.45
CA GLU B 15 11.75 1.36 -22.31
C GLU B 15 12.69 0.31 -21.75
N GLN B 16 12.20 -0.84 -21.29
CA GLN B 16 13.02 -1.79 -20.55
C GLN B 16 13.94 -2.57 -21.48
N GLN B 17 15.03 -3.09 -20.90
CA GLN B 17 15.83 -4.07 -21.61
C GLN B 17 15.00 -5.33 -21.74
N MET B 18 14.92 -5.87 -22.96
CA MET B 18 14.01 -6.96 -23.30
C MET B 18 14.77 -8.26 -23.46
N SER B 19 14.21 -9.32 -22.89
CA SER B 19 14.71 -10.67 -23.05
C SER B 19 14.52 -11.12 -24.48
N ARG B 20 14.95 -12.35 -24.78
CA ARG B 20 14.76 -12.84 -26.13
C ARG B 20 13.31 -13.15 -26.43
N GLY B 21 12.47 -13.28 -25.40
CA GLY B 21 11.03 -13.43 -25.52
C GLY B 21 10.24 -12.16 -25.61
N ASP B 22 10.89 -10.99 -25.60
CA ASP B 22 10.22 -9.69 -25.75
C ASP B 22 9.35 -9.36 -24.54
N ILE B 23 9.84 -9.71 -23.36
CA ILE B 23 9.32 -9.13 -22.12
C ILE B 23 10.52 -8.55 -21.38
N PRO B 24 10.31 -7.64 -20.42
CA PRO B 24 11.46 -7.02 -19.76
C PRO B 24 12.34 -8.05 -19.08
N ILE B 25 13.65 -7.85 -19.21
CA ILE B 25 14.63 -8.71 -18.55
C ILE B 25 14.25 -8.93 -17.09
N ILE B 26 13.87 -7.86 -16.38
CA ILE B 26 13.61 -7.96 -14.94
C ILE B 26 12.47 -8.93 -14.66
N VAL B 27 11.41 -8.88 -15.48
CA VAL B 27 10.27 -9.78 -15.29
C VAL B 27 10.70 -11.22 -15.50
N ASP B 28 11.42 -11.47 -16.59
CA ASP B 28 11.84 -12.82 -16.92
C ASP B 28 12.79 -13.36 -15.86
N ALA B 29 13.75 -12.55 -15.42
CA ALA B 29 14.70 -13.04 -14.43
C ALA B 29 14.01 -13.30 -13.09
N CYS B 30 13.12 -12.42 -12.66
CA CYS B 30 12.44 -12.62 -11.38
C CYS B 30 11.51 -13.80 -11.43
N ILE B 31 10.76 -13.92 -12.53
CA ILE B 31 9.83 -15.03 -12.67
C ILE B 31 10.58 -16.36 -12.73
N SER B 32 11.70 -16.39 -13.46
CA SER B 32 12.47 -17.63 -13.55
C SER B 32 13.06 -18.01 -12.19
N PHE B 33 13.52 -17.02 -11.41
CA PHE B 33 14.10 -17.33 -10.10
C PHE B 33 13.06 -17.97 -9.18
N VAL B 34 11.87 -17.38 -9.12
CA VAL B 34 10.82 -17.90 -8.24
C VAL B 34 10.34 -19.26 -8.73
N THR B 35 10.28 -19.47 -10.05
CA THR B 35 9.93 -20.80 -10.57
C THR B 35 10.90 -21.86 -10.08
N GLN B 36 12.19 -21.54 -10.00
CA GLN B 36 13.21 -22.50 -9.59
C GLN B 36 13.23 -22.74 -8.08
N HIS B 37 13.01 -21.70 -7.27
CA HIS B 37 13.28 -21.76 -5.84
C HIS B 37 12.11 -21.38 -4.94
N GLY B 38 10.96 -21.01 -5.49
CA GLY B 38 9.91 -20.47 -4.66
C GLY B 38 8.55 -21.16 -4.69
N LEU B 39 8.34 -22.14 -5.57
CA LEU B 39 7.00 -22.70 -5.74
C LEU B 39 6.56 -23.52 -4.53
N ARG B 40 7.52 -24.06 -3.76
CA ARG B 40 7.24 -24.79 -2.53
C ARG B 40 7.28 -23.89 -1.29
N LEU B 41 7.64 -22.62 -1.44
CA LEU B 41 7.76 -21.74 -0.29
C LEU B 41 6.39 -21.34 0.18
N GLU B 42 6.06 -21.65 1.44
CA GLU B 42 4.75 -21.28 1.96
C GLU B 42 4.62 -19.76 1.98
N GLY B 43 3.50 -19.26 1.47
CA GLY B 43 3.21 -17.85 1.46
C GLY B 43 3.94 -17.05 0.40
N VAL B 44 4.53 -17.72 -0.60
CA VAL B 44 5.22 -16.99 -1.67
C VAL B 44 4.30 -15.91 -2.24
N TYR B 45 4.91 -14.73 -2.46
CA TYR B 45 4.30 -13.48 -2.91
C TYR B 45 3.47 -12.81 -1.81
N ARG B 46 3.13 -13.54 -0.75
CA ARG B 46 2.49 -12.93 0.41
C ARG B 46 3.53 -12.41 1.39
N LYS B 47 4.47 -13.29 1.76
CA LYS B 47 5.57 -12.90 2.62
C LYS B 47 6.51 -11.95 1.88
N GLY B 48 6.88 -10.85 2.54
CA GLY B 48 7.83 -9.90 2.01
C GLY B 48 9.20 -10.10 2.61
N GLY B 49 10.22 -9.56 1.94
CA GLY B 49 11.59 -9.54 2.42
C GLY B 49 11.91 -8.25 3.13
N ALA B 50 13.19 -7.89 3.13
CA ALA B 50 13.63 -6.64 3.74
C ALA B 50 13.63 -5.57 2.66
N ARG B 51 12.89 -4.49 2.90
CA ARG B 51 12.78 -3.44 1.88
C ARG B 51 14.15 -2.97 1.41
N ALA B 52 15.13 -2.86 2.31
CA ALA B 52 16.46 -2.45 1.89
C ALA B 52 16.98 -3.34 0.76
N ARG B 53 16.72 -4.63 0.83
CA ARG B 53 17.29 -5.55 -0.16
C ARG B 53 16.54 -5.50 -1.48
N SER B 54 15.22 -5.32 -1.44
CA SER B 54 14.49 -5.27 -2.70
C SER B 54 14.65 -3.91 -3.38
N LEU B 55 14.80 -2.84 -2.59
CA LEU B 55 15.15 -1.52 -3.15
C LEU B 55 16.46 -1.60 -3.93
N ARG B 56 17.51 -2.15 -3.32
CA ARG B 56 18.79 -2.26 -4.01
C ARG B 56 18.71 -3.18 -5.23
N LEU B 57 17.94 -4.26 -5.13
CA LEU B 57 17.84 -5.15 -6.29
C LEU B 57 17.10 -4.47 -7.44
N LEU B 58 16.03 -3.74 -7.14
CA LEU B 58 15.30 -3.05 -8.20
C LEU B 58 16.18 -1.96 -8.82
N ALA B 59 16.98 -1.26 -8.00
CA ALA B 59 17.81 -0.21 -8.55
C ALA B 59 18.88 -0.77 -9.46
N GLU B 60 19.39 -1.97 -9.15
CA GLU B 60 20.37 -2.60 -10.03
C GLU B 60 19.71 -3.09 -11.32
N PHE B 61 18.46 -3.57 -11.23
CA PHE B 61 17.76 -3.93 -12.46
C PHE B 61 17.54 -2.71 -13.36
N ARG B 62 17.20 -1.55 -12.77
CA ARG B 62 16.98 -0.38 -13.60
C ARG B 62 18.28 0.13 -14.19
N ARG B 63 19.39 -0.01 -13.46
CA ARG B 63 20.67 0.46 -13.96
C ARG B 63 21.09 -0.33 -15.20
N ASP B 64 21.06 -1.65 -15.11
CA ASP B 64 21.50 -2.49 -16.23
C ASP B 64 20.98 -3.91 -15.97
N ALA B 65 19.77 -4.18 -16.45
CA ALA B 65 19.12 -5.46 -16.14
C ALA B 65 19.95 -6.64 -16.65
N ARG B 66 20.67 -6.46 -17.77
CA ARG B 66 21.39 -7.56 -18.38
C ARG B 66 22.51 -8.10 -17.50
N SER B 67 23.02 -7.29 -16.58
CA SER B 67 24.11 -7.67 -15.70
C SER B 67 23.63 -8.13 -14.32
N VAL B 68 22.34 -8.33 -14.12
CA VAL B 68 21.84 -8.92 -12.90
C VAL B 68 21.72 -10.43 -13.09
N LYS B 69 22.37 -11.19 -12.21
CA LYS B 69 22.31 -12.65 -12.22
C LYS B 69 21.77 -13.07 -10.86
N LEU B 70 20.51 -13.49 -10.84
CA LEU B 70 19.89 -13.92 -9.59
C LEU B 70 20.41 -15.33 -9.27
N ARG B 71 21.05 -15.48 -8.12
CA ARG B 71 21.66 -16.71 -7.66
C ARG B 71 21.13 -17.13 -6.29
N PRO B 72 20.86 -18.42 -6.06
CA PRO B 72 20.65 -18.88 -4.70
C PRO B 72 21.90 -18.60 -3.89
N GLY B 73 21.71 -18.02 -2.71
CA GLY B 73 22.84 -17.63 -1.88
C GLY B 73 22.92 -16.12 -1.79
N GLU B 74 22.85 -15.44 -2.95
CA GLU B 74 22.86 -13.97 -2.96
C GLU B 74 21.48 -13.39 -2.66
N HIS B 75 20.43 -14.03 -3.18
CA HIS B 75 19.10 -13.43 -3.23
C HIS B 75 18.07 -14.32 -2.53
N PHE B 76 17.30 -13.74 -1.63
CA PHE B 76 16.16 -14.44 -1.04
C PHE B 76 14.94 -14.33 -1.95
N VAL B 77 14.12 -15.38 -1.94
CA VAL B 77 12.91 -15.41 -2.75
C VAL B 77 12.01 -14.26 -2.38
N GLU B 78 11.91 -13.93 -1.09
CA GLU B 78 11.01 -12.87 -0.63
C GLU B 78 11.45 -11.50 -1.12
N ASP B 79 12.73 -11.33 -1.39
CA ASP B 79 13.23 -10.09 -1.96
C ASP B 79 12.92 -10.00 -3.45
N VAL B 80 13.00 -11.13 -4.15
CA VAL B 80 12.73 -11.15 -5.58
C VAL B 80 11.24 -10.95 -5.86
N THR B 81 10.36 -11.59 -5.08
CA THR B 81 8.92 -11.37 -5.26
C THR B 81 8.54 -9.92 -4.98
N ASP B 82 9.10 -9.34 -3.90
CA ASP B 82 8.86 -7.94 -3.60
C ASP B 82 9.38 -7.04 -4.72
N THR B 83 10.52 -7.40 -5.30
CA THR B 83 11.07 -6.63 -6.42
C THR B 83 10.14 -6.68 -7.63
N LEU B 84 9.61 -7.86 -7.93
CA LEU B 84 8.72 -8.00 -9.07
C LEU B 84 7.45 -7.17 -8.89
N LYS B 85 6.81 -7.29 -7.72
CA LYS B 85 5.59 -6.54 -7.48
C LYS B 85 5.84 -5.05 -7.57
N ARG B 86 6.97 -4.59 -7.03
CA ARG B 86 7.27 -3.16 -7.07
C ARG B 86 7.59 -2.69 -8.48
N PHE B 87 8.24 -3.56 -9.28
CA PHE B 87 8.45 -3.22 -10.69
C PHE B 87 7.13 -2.88 -11.35
N PHE B 88 6.11 -3.73 -11.14
CA PHE B 88 4.82 -3.52 -11.76
C PHE B 88 4.11 -2.32 -11.18
N ARG B 89 4.23 -2.14 -9.88
CA ARG B 89 3.57 -1.03 -9.22
C ARG B 89 4.11 0.30 -9.69
N GLU B 90 5.41 0.38 -10.01
CA GLU B 90 6.03 1.64 -10.38
C GLU B 90 6.06 1.92 -11.88
N LEU B 91 5.56 1.03 -12.73
CA LEU B 91 5.51 1.33 -14.17
C LEU B 91 4.76 2.64 -14.43
N ASP B 92 5.29 3.46 -15.34
CA ASP B 92 4.63 4.72 -15.70
C ASP B 92 3.19 4.51 -16.10
N ASP B 93 2.92 3.44 -16.84
CA ASP B 93 1.60 3.04 -17.25
C ASP B 93 1.49 1.58 -16.82
N PRO B 94 0.44 1.21 -16.10
CA PRO B 94 0.30 -0.20 -15.68
C PRO B 94 0.34 -1.16 -16.87
N VAL B 95 0.79 -2.39 -16.61
CA VAL B 95 0.95 -3.37 -17.69
C VAL B 95 -0.38 -3.63 -18.39
N THR B 96 -1.46 -3.74 -17.62
CA THR B 96 -2.78 -3.47 -18.18
C THR B 96 -2.85 -1.96 -18.36
N SER B 97 -3.17 -1.49 -19.53
CA SER B 97 -2.96 -0.08 -19.81
C SER B 97 -4.01 0.77 -19.12
N ALA B 98 -3.64 2.01 -18.80
CA ALA B 98 -4.62 2.96 -18.31
C ALA B 98 -5.73 3.16 -19.34
N ARG B 99 -5.35 3.25 -20.62
CA ARG B 99 -6.27 3.47 -21.73
C ARG B 99 -7.38 2.43 -21.73
N LEU B 100 -7.09 1.21 -21.28
CA LEU B 100 -8.03 0.10 -21.37
C LEU B 100 -8.81 -0.13 -20.07
N LEU B 101 -8.46 0.56 -18.99
CA LEU B 101 -9.13 0.29 -17.73
C LEU B 101 -10.66 0.35 -17.81
N PRO B 102 -11.28 1.29 -18.53
CA PRO B 102 -12.74 1.20 -18.69
C PRO B 102 -13.21 -0.11 -19.27
N ARG B 103 -12.50 -0.64 -20.27
CA ARG B 103 -12.92 -1.90 -20.88
C ARG B 103 -12.69 -3.08 -19.93
N TRP B 104 -11.60 -3.06 -19.17
CA TRP B 104 -11.39 -4.10 -18.16
C TRP B 104 -12.55 -4.13 -17.18
N ARG B 105 -12.97 -2.94 -16.71
CA ARG B 105 -13.99 -2.85 -15.68
C ARG B 105 -15.35 -3.27 -16.23
N GLU B 106 -15.68 -2.80 -17.43
CA GLU B 106 -16.92 -3.20 -18.07
C GLU B 106 -16.95 -4.71 -18.31
N ALA B 107 -15.80 -5.27 -18.74
CA ALA B 107 -15.67 -6.71 -18.93
C ALA B 107 -15.92 -7.47 -17.63
N ALA B 108 -15.37 -6.99 -16.52
CA ALA B 108 -15.52 -7.65 -15.23
C ALA B 108 -16.95 -7.61 -14.72
N GLU B 109 -17.76 -6.67 -15.20
CA GLU B 109 -19.13 -6.54 -14.74
C GLU B 109 -20.12 -7.35 -15.55
N LEU B 110 -19.69 -8.05 -16.60
CA LEU B 110 -20.59 -8.90 -17.37
C LEU B 110 -21.07 -10.08 -16.52
N PRO B 111 -22.27 -10.59 -16.79
CA PRO B 111 -22.94 -11.51 -15.83
C PRO B 111 -22.37 -12.92 -15.77
N GLN B 112 -21.96 -13.51 -16.88
CA GLN B 112 -21.55 -14.90 -16.89
C GLN B 112 -20.04 -15.03 -17.01
N LYS B 113 -19.50 -16.02 -16.30
CA LYS B 113 -18.05 -16.20 -16.25
C LYS B 113 -17.47 -16.41 -17.64
N ASN B 114 -18.11 -17.26 -18.44
CA ASN B 114 -17.59 -17.52 -19.77
C ASN B 114 -17.63 -16.28 -20.66
N GLN B 115 -18.65 -15.43 -20.49
CA GLN B 115 -18.72 -14.20 -21.28
C GLN B 115 -17.62 -13.22 -20.88
N ARG B 116 -17.29 -13.15 -19.60
CA ARG B 116 -16.19 -12.29 -19.17
C ARG B 116 -14.86 -12.74 -19.75
N LEU B 117 -14.64 -14.06 -19.85
CA LEU B 117 -13.39 -14.57 -20.36
C LEU B 117 -13.18 -14.20 -21.82
N GLU B 118 -14.21 -14.34 -22.64
CA GLU B 118 -14.08 -13.94 -24.04
C GLU B 118 -13.83 -12.45 -24.15
N LYS B 119 -14.43 -11.65 -23.26
CA LYS B 119 -14.21 -10.22 -23.31
C LYS B 119 -12.79 -9.86 -22.88
N TYR B 120 -12.23 -10.60 -21.91
CA TYR B 120 -10.84 -10.35 -21.53
C TYR B 120 -9.89 -10.57 -22.72
N LYS B 121 -10.12 -11.64 -23.50
CA LYS B 121 -9.31 -11.88 -24.69
C LYS B 121 -9.43 -10.75 -25.69
N ASP B 122 -10.64 -10.18 -25.82
CA ASP B 122 -10.80 -9.00 -26.67
C ASP B 122 -9.90 -7.88 -26.19
N VAL B 123 -9.92 -7.59 -24.88
CA VAL B 123 -9.14 -6.49 -24.34
C VAL B 123 -7.64 -6.77 -24.39
N ILE B 124 -7.24 -8.03 -24.13
CA ILE B 124 -5.82 -8.39 -24.19
C ILE B 124 -5.29 -8.19 -25.61
N GLY B 125 -6.12 -8.43 -26.63
CA GLY B 125 -5.75 -8.18 -28.02
C GLY B 125 -5.63 -6.71 -28.41
N CYS B 126 -6.12 -5.79 -27.58
CA CYS B 126 -5.90 -4.37 -27.79
C CYS B 126 -4.61 -3.85 -27.16
N LEU B 127 -3.88 -4.70 -26.40
CA LEU B 127 -2.65 -4.31 -25.72
C LEU B 127 -1.47 -4.32 -26.67
N PRO B 128 -0.46 -3.47 -26.42
CA PRO B 128 0.79 -3.59 -27.17
C PRO B 128 1.43 -4.96 -26.93
N ARG B 129 2.31 -5.35 -27.87
CA ARG B 129 2.89 -6.70 -27.83
C ARG B 129 3.63 -6.96 -26.52
N VAL B 130 4.43 -5.99 -26.04
CA VAL B 130 5.20 -6.26 -24.82
C VAL B 130 4.27 -6.39 -23.60
N ASN B 131 3.19 -5.59 -23.54
CA ASN B 131 2.23 -5.70 -22.44
C ASN B 131 1.55 -7.07 -22.45
N ARG B 132 1.08 -7.50 -23.64
CA ARG B 132 0.41 -8.80 -23.75
C ARG B 132 1.34 -9.92 -23.35
N ARG B 133 2.57 -9.92 -23.87
CA ARG B 133 3.49 -11.00 -23.56
C ARG B 133 3.92 -10.92 -22.09
N THR B 134 4.13 -9.71 -21.57
CA THR B 134 4.46 -9.58 -20.15
C THR B 134 3.32 -10.10 -19.29
N LEU B 135 2.09 -9.70 -19.60
CA LEU B 135 0.94 -10.15 -18.83
C LEU B 135 0.76 -11.66 -18.93
N ALA B 136 0.94 -12.22 -20.13
CA ALA B 136 0.79 -13.66 -20.30
C ALA B 136 1.78 -14.44 -19.46
N THR B 137 3.04 -13.99 -19.44
CA THR B 137 4.07 -14.63 -18.61
C THR B 137 3.73 -14.53 -17.12
N LEU B 138 3.28 -13.37 -16.67
CA LEU B 138 2.90 -13.22 -15.27
C LEU B 138 1.74 -14.16 -14.90
N ILE B 139 0.65 -14.11 -15.68
CA ILE B 139 -0.51 -14.95 -15.38
C ILE B 139 -0.12 -16.43 -15.42
N GLY B 140 0.64 -16.83 -16.45
CA GLY B 140 1.09 -18.20 -16.50
C GLY B 140 1.95 -18.61 -15.31
N HIS B 141 2.75 -17.67 -14.78
CA HIS B 141 3.52 -17.95 -13.59
C HIS B 141 2.62 -18.11 -12.38
N LEU B 142 1.66 -17.18 -12.20
CA LEU B 142 0.74 -17.29 -11.08
C LEU B 142 -0.12 -18.55 -11.19
N TYR B 143 -0.48 -18.93 -12.43
CA TYR B 143 -1.22 -20.19 -12.62
C TYR B 143 -0.44 -21.36 -12.04
N ARG B 144 0.87 -21.39 -12.26
CA ARG B 144 1.72 -22.46 -11.76
C ARG B 144 1.83 -22.41 -10.23
N VAL B 145 1.91 -21.21 -9.66
CA VAL B 145 2.01 -21.10 -8.20
C VAL B 145 0.78 -21.72 -7.52
N GLN B 146 -0.42 -21.31 -7.94
CA GLN B 146 -1.63 -21.83 -7.29
C GLN B 146 -1.78 -23.33 -7.51
N LYS B 147 -1.22 -23.85 -8.60
CA LYS B 147 -1.23 -25.30 -8.82
C LYS B 147 -0.44 -26.02 -7.73
N CYS B 148 0.56 -25.36 -7.15
CA CYS B 148 1.38 -25.93 -6.09
C CYS B 148 0.89 -25.50 -4.71
N ALA B 149 -0.38 -25.10 -4.59
CA ALA B 149 -0.87 -24.50 -3.35
C ALA B 149 -0.90 -25.50 -2.20
N ALA B 150 -1.03 -26.80 -2.49
CA ALA B 150 -0.92 -27.82 -1.46
C ALA B 150 0.36 -27.64 -0.66
N LEU B 151 1.43 -27.18 -1.31
CA LEU B 151 2.71 -26.90 -0.71
C LEU B 151 2.83 -25.46 -0.21
N ASN B 152 2.52 -24.48 -1.06
CA ASN B 152 2.80 -23.09 -0.74
C ASN B 152 1.60 -22.35 -0.14
N GLN B 153 0.43 -22.99 -0.06
CA GLN B 153 -0.76 -22.39 0.56
C GLN B 153 -1.26 -21.14 -0.17
N MET B 154 -0.86 -20.93 -1.42
CA MET B 154 -1.26 -19.73 -2.17
C MET B 154 -2.30 -20.11 -3.23
N CYS B 155 -3.58 -19.87 -2.92
CA CYS B 155 -4.63 -20.10 -3.90
C CYS B 155 -4.80 -18.88 -4.81
N THR B 156 -5.53 -19.09 -5.90
CA THR B 156 -5.70 -18.05 -6.90
C THR B 156 -6.22 -16.76 -6.30
N ARG B 157 -7.28 -16.83 -5.50
CA ARG B 157 -7.86 -15.64 -4.89
C ARG B 157 -6.82 -14.85 -4.09
N ASN B 158 -5.98 -15.56 -3.32
CA ASN B 158 -4.94 -14.88 -2.56
C ASN B 158 -3.97 -14.15 -3.49
N LEU B 159 -3.53 -14.81 -4.57
CA LEU B 159 -2.59 -14.20 -5.50
C LEU B 159 -3.19 -12.97 -6.17
N ALA B 160 -4.45 -13.08 -6.60
CA ALA B 160 -5.15 -11.94 -7.20
C ALA B 160 -5.21 -10.77 -6.23
N LEU B 161 -5.52 -11.02 -4.95
CA LEU B 161 -5.53 -9.93 -3.96
C LEU B 161 -4.16 -9.27 -3.83
N LEU B 162 -3.09 -10.07 -3.86
CA LEU B 162 -1.74 -9.51 -3.73
C LEU B 162 -1.29 -8.74 -4.96
N PHE B 163 -1.76 -9.12 -6.15
CA PHE B 163 -1.18 -8.61 -7.39
C PHE B 163 -2.01 -7.54 -8.07
N ALA B 164 -3.33 -7.52 -7.89
CA ALA B 164 -4.16 -6.47 -8.50
C ALA B 164 -3.62 -5.08 -8.20
N PRO B 165 -3.26 -4.73 -6.96
CA PRO B 165 -2.67 -3.40 -6.73
C PRO B 165 -1.46 -3.09 -7.58
N SER B 166 -0.58 -4.06 -7.80
CA SER B 166 0.65 -3.80 -8.56
C SER B 166 0.40 -3.86 -10.06
N VAL B 167 -0.42 -4.82 -10.50
CA VAL B 167 -0.61 -5.07 -11.92
C VAL B 167 -1.51 -4.01 -12.54
N PHE B 168 -2.64 -3.72 -11.91
CA PHE B 168 -3.55 -2.66 -12.36
C PHE B 168 -3.22 -1.28 -11.79
N GLN B 169 -2.38 -1.21 -10.76
CA GLN B 169 -2.10 0.06 -10.08
C GLN B 169 -3.39 0.69 -9.53
N THR B 170 -4.19 -0.14 -8.86
CA THR B 170 -5.34 0.39 -8.14
C THR B 170 -4.91 0.92 -6.77
N ASP B 171 -5.77 1.75 -6.20
CA ASP B 171 -5.44 2.36 -4.94
C ASP B 171 -6.27 1.73 -3.82
N GLY B 172 -6.17 0.41 -3.69
CA GLY B 172 -6.69 -0.31 -2.56
C GLY B 172 -8.09 -0.86 -2.70
N ARG B 173 -8.87 -0.40 -3.68
CA ARG B 173 -10.24 -0.87 -3.84
C ARG B 173 -10.77 -0.56 -5.25
N GLY B 174 -10.83 -1.57 -6.11
CA GLY B 174 -10.39 -2.91 -5.80
C GLY B 174 -11.13 -4.05 -6.50
N GLU B 175 -12.46 -4.04 -6.42
CA GLU B 175 -13.27 -5.21 -6.78
C GLU B 175 -13.07 -5.66 -8.24
N HIS B 176 -13.14 -4.74 -9.21
CA HIS B 176 -13.06 -5.19 -10.60
C HIS B 176 -11.72 -5.85 -10.90
N GLU B 177 -10.66 -5.23 -10.44
CA GLU B 177 -9.32 -5.66 -10.81
C GLU B 177 -8.97 -7.00 -10.19
N VAL B 178 -9.38 -7.23 -8.94
CA VAL B 178 -9.17 -8.52 -8.31
C VAL B 178 -9.88 -9.61 -9.08
N ARG B 179 -11.14 -9.36 -9.48
CA ARG B 179 -11.86 -10.37 -10.24
C ARG B 179 -11.14 -10.71 -11.54
N VAL B 180 -10.73 -9.68 -12.30
CA VAL B 180 -10.01 -9.95 -13.55
C VAL B 180 -8.82 -10.86 -13.31
N LEU B 181 -7.98 -10.51 -12.33
CA LEU B 181 -6.77 -11.28 -12.08
C LEU B 181 -7.11 -12.70 -11.67
N GLN B 182 -8.08 -12.83 -10.77
CA GLN B 182 -8.54 -14.15 -10.39
C GLN B 182 -9.01 -14.94 -11.60
N GLU B 183 -9.80 -14.30 -12.46
CA GLU B 183 -10.38 -15.05 -13.59
C GLU B 183 -9.37 -15.25 -14.73
N LEU B 184 -8.42 -14.33 -14.92
CA LEU B 184 -7.32 -14.62 -15.84
C LEU B 184 -6.52 -15.83 -15.41
N ILE B 185 -6.28 -15.98 -14.11
CA ILE B 185 -5.47 -17.10 -13.64
C ILE B 185 -6.26 -18.41 -13.72
N ASP B 186 -7.49 -18.41 -13.19
CA ASP B 186 -8.33 -19.61 -13.33
C ASP B 186 -8.55 -19.94 -14.80
N GLY B 187 -8.73 -18.92 -15.64
CA GLY B 187 -8.96 -19.16 -17.05
C GLY B 187 -7.73 -19.08 -17.93
N TYR B 188 -6.54 -19.27 -17.34
CA TYR B 188 -5.29 -18.99 -18.05
C TYR B 188 -5.17 -19.77 -19.35
N ILE B 189 -5.51 -21.06 -19.30
CA ILE B 189 -5.33 -21.93 -20.44
C ILE B 189 -6.21 -21.50 -21.61
N SER B 190 -7.47 -21.14 -21.31
CA SER B 190 -8.37 -20.69 -22.38
C SER B 190 -8.03 -19.27 -22.84
N VAL B 191 -7.82 -18.34 -21.89
CA VAL B 191 -7.69 -16.93 -22.27
C VAL B 191 -6.45 -16.69 -23.13
N PHE B 192 -5.35 -17.39 -22.84
CA PHE B 192 -4.09 -17.16 -23.52
C PHE B 192 -3.76 -18.23 -24.55
N ASP B 193 -4.76 -19.01 -24.99
CA ASP B 193 -4.59 -19.99 -26.07
C ASP B 193 -3.40 -20.89 -25.81
N ILE B 194 -3.35 -21.43 -24.60
CA ILE B 194 -2.27 -22.36 -24.25
C ILE B 194 -2.67 -23.74 -24.77
N ASP B 195 -1.83 -24.31 -25.64
CA ASP B 195 -2.15 -25.60 -26.23
C ASP B 195 -1.84 -26.74 -25.26
N SER B 196 -2.34 -27.94 -25.61
CA SER B 196 -2.26 -29.08 -24.70
C SER B 196 -0.85 -29.58 -24.49
N ASP B 197 0.08 -29.25 -25.40
CA ASP B 197 1.48 -29.59 -25.22
C ASP B 197 2.08 -28.86 -24.02
N GLN B 198 1.86 -27.55 -23.93
CA GLN B 198 2.34 -26.80 -22.77
C GLN B 198 1.54 -27.17 -21.52
N VAL B 199 0.23 -27.40 -21.67
CA VAL B 199 -0.59 -27.83 -20.53
C VAL B 199 0.02 -29.07 -19.89
N ALA B 200 0.40 -30.03 -20.72
CA ALA B 200 1.06 -31.24 -20.21
C ALA B 200 2.46 -30.93 -19.71
N GLN B 201 3.18 -30.02 -20.38
CA GLN B 201 4.51 -29.63 -19.92
C GLN B 201 4.46 -28.95 -18.56
N ILE B 202 3.39 -28.18 -18.29
CA ILE B 202 3.25 -27.50 -16.99
C ILE B 202 2.98 -28.51 -15.89
N ASP B 203 2.05 -29.43 -16.11
CA ASP B 203 1.80 -30.47 -15.13
C ASP B 203 3.03 -31.35 -14.96
N LEU B 204 3.84 -31.51 -16.02
CA LEU B 204 5.09 -32.26 -15.91
C LEU B 204 6.08 -31.50 -15.04
N GLU B 205 6.16 -30.17 -15.21
CA GLU B 205 7.04 -29.34 -14.40
C GLU B 205 6.57 -29.28 -12.96
N VAL B 206 5.27 -29.07 -12.74
CA VAL B 206 4.70 -29.05 -11.38
C VAL B 206 4.92 -30.41 -10.72
N SER B 207 4.81 -31.49 -11.49
CA SER B 207 4.99 -32.83 -10.95
C SER B 207 6.35 -32.98 -10.28
N LEU B 208 7.38 -32.32 -10.84
CA LEU B 208 8.69 -32.33 -10.20
C LEU B 208 8.61 -31.85 -8.76
N ILE B 209 7.72 -30.88 -8.49
CA ILE B 209 7.53 -30.30 -7.17
C ILE B 209 6.59 -31.20 -6.37
N THR B 210 7.03 -32.44 -6.10
CA THR B 210 6.19 -33.46 -5.44
C THR B 210 6.16 -33.29 -3.93
#